data_4A9N
#
_entry.id   4A9N
#
_cell.length_a   113.967
_cell.length_b   55.725
_cell.length_c   68.126
_cell.angle_alpha   90.00
_cell.angle_beta   94.96
_cell.angle_gamma   90.00
#
_symmetry.space_group_name_H-M   'C 1 2 1'
#
loop_
_entity.id
_entity.type
_entity.pdbx_description
1 polymer 'BROMODOMAIN CONTAINING 2'
2 non-polymer 1,2-ETHANEDIOL
3 non-polymer N-CYCLOPROP-2-EN-1-YL-5-(3,5-DIMETHYL-1,2-OXAZOL-4-YL)-2-METHYL-BENZENESULFONAMIDE
4 non-polymer 'SULFATE ION'
5 non-polymer 'DIMETHYL SULFOXIDE'
6 water water
#
_entity_poly.entity_id   1
_entity_poly.type   'polypeptide(L)'
_entity_poly.pdbx_seq_one_letter_code
;GSSHHHHHHSSGLVPRGSHMSNPKKPGRVTNQLQYLHKVVMKALWKHQFAWPFRQPVDAVKLGLPDYHKIIKQPMDMGTI
KRRLENNYYWAASECMQDFNTMFTNCYIYNKPTDDIVLMAQTLEKIFLQKVASMPQEEQELVVTIPKNSHKKGA
;
_entity_poly.pdbx_strand_id   A,B,C
#
# COMPACT_ATOMS: atom_id res chain seq x y z
N VAL A 29 18.55 -2.13 1.84
CA VAL A 29 17.38 -2.88 1.30
C VAL A 29 16.67 -3.64 2.42
N THR A 30 15.35 -3.47 2.51
CA THR A 30 14.53 -4.23 3.45
C THR A 30 13.36 -4.89 2.71
N ASN A 31 12.67 -5.79 3.41
CA ASN A 31 11.50 -6.49 2.86
C ASN A 31 10.32 -5.55 2.58
N GLN A 32 10.10 -4.60 3.47
CA GLN A 32 9.03 -3.61 3.30
C GLN A 32 9.32 -2.69 2.13
N LEU A 33 10.56 -2.22 2.04
CA LEU A 33 11.00 -1.37 0.93
C LEU A 33 10.86 -2.07 -0.42
N GLN A 34 11.21 -3.36 -0.45
CA GLN A 34 10.98 -4.18 -1.64
C GLN A 34 9.51 -4.22 -2.03
N TYR A 35 8.65 -4.39 -1.03
CA TYR A 35 7.21 -4.38 -1.26
C TYR A 35 6.77 -3.02 -1.80
N LEU A 36 7.27 -1.95 -1.20
CA LEU A 36 6.92 -0.60 -1.64
C LEU A 36 7.35 -0.35 -3.09
N HIS A 37 8.49 -0.94 -3.48
CA HIS A 37 9.00 -0.80 -4.83
C HIS A 37 8.25 -1.69 -5.82
N LYS A 38 8.19 -2.99 -5.53
CA LYS A 38 7.59 -3.96 -6.46
C LYS A 38 6.07 -3.97 -6.51
N VAL A 39 5.41 -3.56 -5.43
CA VAL A 39 3.94 -3.61 -5.36
C VAL A 39 3.30 -2.21 -5.40
N VAL A 40 3.70 -1.34 -4.48
CA VAL A 40 3.08 -0.01 -4.38
C VAL A 40 3.48 0.91 -5.52
N MET A 41 4.79 1.13 -5.70
CA MET A 41 5.25 2.00 -6.78
C MET A 41 4.88 1.45 -8.15
N LYS A 42 5.00 0.14 -8.35
CA LYS A 42 4.63 -0.48 -9.62
C LYS A 42 3.17 -0.16 -9.97
N ALA A 43 2.29 -0.31 -8.98
CA ALA A 43 0.86 -0.07 -9.16
C ALA A 43 0.56 1.41 -9.46
N LEU A 44 1.19 2.31 -8.71
CA LEU A 44 0.94 3.75 -8.84
C LEU A 44 1.57 4.37 -10.10
N TRP A 45 2.79 3.95 -10.42
CA TRP A 45 3.54 4.51 -11.55
C TRP A 45 2.82 4.33 -12.90
N LYS A 46 2.23 3.16 -13.11
CA LYS A 46 1.56 2.82 -14.36
C LYS A 46 0.09 3.25 -14.42
N HIS A 47 -0.41 3.85 -13.35
CA HIS A 47 -1.84 4.21 -13.27
C HIS A 47 -2.16 5.35 -14.24
N GLN A 48 -3.36 5.32 -14.81
CA GLN A 48 -3.76 6.33 -15.79
C GLN A 48 -3.78 7.76 -15.23
N PHE A 49 -3.90 7.91 -13.91
CA PHE A 49 -3.91 9.23 -13.27
C PHE A 49 -2.54 9.64 -12.70
N ALA A 50 -1.52 8.83 -12.95
CA ALA A 50 -0.20 9.07 -12.36
C ALA A 50 0.59 10.19 -13.02
N TRP A 51 0.31 10.47 -14.29
CA TRP A 51 1.18 11.35 -15.09
C TRP A 51 1.50 12.73 -14.46
N PRO A 52 0.53 13.37 -13.77
CA PRO A 52 0.87 14.64 -13.12
C PRO A 52 1.86 14.53 -11.96
N PHE A 53 2.05 13.32 -11.44
CA PHE A 53 2.87 13.08 -10.26
C PHE A 53 4.20 12.39 -10.57
N ARG A 54 4.47 12.10 -11.85
CA ARG A 54 5.67 11.35 -12.22
C ARG A 54 6.95 12.18 -12.22
N GLN A 55 6.81 13.49 -12.09
CA GLN A 55 7.96 14.40 -12.07
C GLN A 55 7.63 15.59 -11.16
N PRO A 56 8.66 16.28 -10.66
CA PRO A 56 8.42 17.43 -9.79
C PRO A 56 7.46 18.44 -10.42
N VAL A 57 6.64 19.07 -9.58
CA VAL A 57 5.79 20.16 -10.04
C VAL A 57 6.70 21.23 -10.64
N ASP A 58 6.44 21.58 -11.89
CA ASP A 58 7.16 22.67 -12.56
C ASP A 58 6.29 23.91 -12.49
N ALA A 59 6.57 24.78 -11.51
CA ALA A 59 5.75 25.96 -11.23
C ALA A 59 5.77 26.99 -12.37
N VAL A 60 6.88 27.06 -13.10
CA VAL A 60 6.99 27.95 -14.25
C VAL A 60 6.07 27.47 -15.37
N LYS A 61 6.21 26.20 -15.71
CA LYS A 61 5.38 25.56 -16.74
C LYS A 61 3.89 25.69 -16.46
N LEU A 62 3.50 25.44 -15.21
CA LEU A 62 2.09 25.43 -14.84
C LEU A 62 1.54 26.82 -14.47
N GLY A 63 2.42 27.82 -14.44
CA GLY A 63 2.02 29.19 -14.11
C GLY A 63 1.53 29.32 -12.67
N LEU A 64 2.34 28.79 -11.75
CA LEU A 64 1.98 28.73 -10.33
C LEU A 64 3.04 29.47 -9.51
N PRO A 65 3.08 30.81 -9.61
CA PRO A 65 4.16 31.58 -8.99
C PRO A 65 4.26 31.45 -7.46
N ASP A 66 3.18 31.04 -6.81
CA ASP A 66 3.17 30.88 -5.36
C ASP A 66 3.41 29.45 -4.89
N TYR A 67 3.60 28.51 -5.83
CA TYR A 67 3.67 27.10 -5.46
C TYR A 67 4.70 26.84 -4.37
N HIS A 68 5.91 27.34 -4.58
CA HIS A 68 7.00 27.08 -3.64
C HIS A 68 6.97 27.97 -2.39
N LYS A 69 6.13 29.00 -2.41
CA LYS A 69 5.83 29.78 -1.22
C LYS A 69 4.95 28.97 -0.26
N ILE A 70 4.08 28.14 -0.81
CA ILE A 70 3.10 27.38 -0.02
C ILE A 70 3.61 25.97 0.30
N ILE A 71 4.19 25.31 -0.71
CA ILE A 71 4.71 23.94 -0.56
C ILE A 71 6.23 23.97 -0.37
N LYS A 72 6.66 23.69 0.85
CA LYS A 72 8.06 23.83 1.24
C LYS A 72 8.86 22.53 1.07
N GLN A 73 8.15 21.41 0.95
CA GLN A 73 8.78 20.12 0.71
C GLN A 73 8.13 19.44 -0.48
N PRO A 74 8.52 19.84 -1.70
CA PRO A 74 7.93 19.20 -2.88
C PRO A 74 8.33 17.73 -2.95
N MET A 75 7.42 16.90 -3.45
CA MET A 75 7.69 15.50 -3.64
C MET A 75 6.87 14.97 -4.81
N ASP A 76 7.40 13.95 -5.46
CA ASP A 76 6.78 13.38 -6.65
C ASP A 76 7.22 11.92 -6.75
N MET A 77 6.54 11.14 -7.58
N MET A 77 6.51 11.16 -7.57
CA MET A 77 6.82 9.71 -7.67
CA MET A 77 6.75 9.72 -7.77
C MET A 77 8.09 9.35 -8.43
C MET A 77 8.13 9.42 -8.33
N GLY A 78 8.57 10.24 -9.28
CA GLY A 78 9.86 10.04 -9.96
C GLY A 78 11.02 10.05 -8.99
N THR A 79 10.98 11.03 -8.09
CA THR A 79 11.91 11.15 -6.97
C THR A 79 11.86 9.91 -6.08
N ILE A 80 10.66 9.50 -5.68
CA ILE A 80 10.49 8.33 -4.82
C ILE A 80 11.00 7.07 -5.53
N LYS A 81 10.66 6.94 -6.82
CA LYS A 81 11.10 5.81 -7.63
C LYS A 81 12.62 5.77 -7.72
N ARG A 82 13.21 6.90 -8.10
CA ARG A 82 14.66 7.07 -8.15
C ARG A 82 15.28 6.69 -6.80
N ARG A 83 14.68 7.17 -5.71
CA ARG A 83 15.18 6.88 -4.36
C ARG A 83 15.11 5.40 -3.99
N LEU A 84 14.06 4.72 -4.40
CA LEU A 84 13.94 3.26 -4.19
C LEU A 84 14.97 2.49 -5.00
N GLU A 85 15.19 2.93 -6.24
CA GLU A 85 16.18 2.30 -7.12
C GLU A 85 17.61 2.47 -6.61
N ASN A 86 17.88 3.61 -5.97
CA ASN A 86 19.23 3.93 -5.50
C ASN A 86 19.49 3.58 -4.02
N ASN A 87 18.60 2.80 -3.42
CA ASN A 87 18.72 2.41 -2.01
C ASN A 87 18.92 3.61 -1.07
N TYR A 88 18.15 4.67 -1.32
CA TYR A 88 18.23 5.88 -0.53
C TYR A 88 17.62 5.66 0.86
N TYR A 89 16.48 4.98 0.91
CA TYR A 89 15.73 4.84 2.16
C TYR A 89 16.37 3.82 3.10
N TRP A 90 16.33 4.13 4.40
CA TRP A 90 16.80 3.23 5.43
C TRP A 90 15.66 2.45 6.08
N ALA A 91 14.44 2.98 5.98
CA ALA A 91 13.24 2.32 6.50
C ALA A 91 12.06 2.54 5.56
N ALA A 92 11.08 1.64 5.61
CA ALA A 92 9.87 1.73 4.79
C ALA A 92 9.05 2.98 5.14
N SER A 93 9.01 3.32 6.42
CA SER A 93 8.26 4.50 6.89
C SER A 93 8.72 5.80 6.22
N GLU A 94 10.01 5.90 5.89
CA GLU A 94 10.57 7.08 5.24
C GLU A 94 9.98 7.25 3.83
N CYS A 95 9.90 6.15 3.11
CA CYS A 95 9.30 6.14 1.77
C CYS A 95 7.81 6.44 1.84
N MET A 96 7.14 5.86 2.82
CA MET A 96 5.71 6.11 3.03
C MET A 96 5.43 7.58 3.31
N GLN A 97 6.33 8.21 4.09
CA GLN A 97 6.20 9.64 4.37
C GLN A 97 6.34 10.48 3.12
N ASP A 98 7.24 10.07 2.21
CA ASP A 98 7.41 10.76 0.93
C ASP A 98 6.14 10.66 0.07
N PHE A 99 5.56 9.47 -0.02
CA PHE A 99 4.27 9.31 -0.69
C PHE A 99 3.21 10.25 -0.10
N ASN A 100 3.13 10.27 1.23
CA ASN A 100 2.15 11.07 1.93
C ASN A 100 2.33 12.57 1.68
N THR A 101 3.58 13.01 1.72
CA THR A 101 3.94 14.39 1.41
C THR A 101 3.49 14.79 -0.01
N MET A 102 3.75 13.92 -0.98
CA MET A 102 3.31 14.18 -2.35
C MET A 102 1.79 14.44 -2.40
N PHE A 103 1.02 13.57 -1.76
CA PHE A 103 -0.44 13.70 -1.80
C PHE A 103 -0.90 14.90 -0.99
N THR A 104 -0.33 15.07 0.20
CA THR A 104 -0.71 16.16 1.08
C THR A 104 -0.42 17.52 0.44
N ASN A 105 0.72 17.64 -0.23
CA ASN A 105 1.06 18.86 -0.95
C ASN A 105 -0.02 19.21 -1.95
N CYS A 106 -0.50 18.20 -2.66
CA CYS A 106 -1.54 18.38 -3.66
C CYS A 106 -2.83 18.92 -3.03
N TYR A 107 -3.26 18.30 -1.92
CA TYR A 107 -4.48 18.74 -1.23
C TYR A 107 -4.38 20.14 -0.64
N ILE A 108 -3.22 20.48 -0.10
CA ILE A 108 -3.00 21.79 0.52
C ILE A 108 -2.97 22.90 -0.53
N TYR A 109 -2.26 22.68 -1.61
CA TYR A 109 -2.06 23.73 -2.60
C TYR A 109 -3.30 23.98 -3.44
N ASN A 110 -3.93 22.91 -3.89
CA ASN A 110 -4.98 23.03 -4.90
C ASN A 110 -6.35 23.35 -4.31
N LYS A 111 -7.23 23.85 -5.17
CA LYS A 111 -8.62 24.14 -4.79
C LYS A 111 -9.39 22.84 -4.62
N PRO A 112 -10.37 22.83 -3.70
CA PRO A 112 -11.19 21.62 -3.47
C PRO A 112 -11.76 20.96 -4.74
N THR A 113 -12.13 21.79 -5.71
CA THR A 113 -12.80 21.34 -6.93
C THR A 113 -11.89 21.00 -8.11
N ASP A 114 -10.57 21.12 -7.92
CA ASP A 114 -9.59 20.81 -8.97
C ASP A 114 -9.55 19.30 -9.22
N ASP A 115 -9.46 18.91 -10.49
CA ASP A 115 -9.39 17.50 -10.88
C ASP A 115 -8.17 16.78 -10.29
N ILE A 116 -7.07 17.49 -10.12
CA ILE A 116 -5.84 16.90 -9.57
C ILE A 116 -6.09 16.28 -8.18
N VAL A 117 -6.97 16.89 -7.41
CA VAL A 117 -7.30 16.37 -6.07
C VAL A 117 -7.99 15.00 -6.15
N LEU A 118 -8.90 14.86 -7.10
CA LEU A 118 -9.57 13.58 -7.35
C LEU A 118 -8.58 12.50 -7.79
N MET A 119 -7.65 12.91 -8.65
CA MET A 119 -6.62 12.02 -9.15
C MET A 119 -5.70 11.56 -8.01
N ALA A 120 -5.28 12.51 -7.17
CA ALA A 120 -4.47 12.22 -6.00
C ALA A 120 -5.18 11.25 -5.06
N GLN A 121 -6.46 11.50 -4.80
CA GLN A 121 -7.28 10.61 -3.94
C GLN A 121 -7.36 9.19 -4.48
N THR A 122 -7.54 9.07 -5.79
CA THR A 122 -7.63 7.76 -6.42
C THR A 122 -6.34 6.99 -6.21
N LEU A 123 -5.21 7.66 -6.44
CA LEU A 123 -3.91 7.04 -6.27
C LEU A 123 -3.65 6.73 -4.79
N GLU A 124 -4.04 7.65 -3.90
CA GLU A 124 -3.80 7.44 -2.48
C GLU A 124 -4.62 6.27 -1.91
N LYS A 125 -5.81 6.05 -2.44
CA LYS A 125 -6.61 4.88 -2.08
C LYS A 125 -5.84 3.59 -2.36
N ILE A 126 -5.25 3.50 -3.55
N ILE A 126 -5.25 3.50 -3.54
CA ILE A 126 -4.45 2.34 -3.93
CA ILE A 126 -4.45 2.34 -3.93
C ILE A 126 -3.22 2.20 -3.02
C ILE A 126 -3.23 2.21 -3.02
N PHE A 127 -2.56 3.33 -2.75
CA PHE A 127 -1.44 3.37 -1.82
C PHE A 127 -1.83 2.73 -0.48
N LEU A 128 -2.96 3.18 0.07
CA LEU A 128 -3.41 2.69 1.38
C LEU A 128 -3.82 1.22 1.34
N GLN A 129 -4.54 0.82 0.29
CA GLN A 129 -4.94 -0.56 0.12
C GLN A 129 -3.73 -1.49 0.10
N LYS A 130 -2.72 -1.11 -0.68
CA LYS A 130 -1.50 -1.90 -0.79
C LYS A 130 -0.69 -1.88 0.52
N VAL A 131 -0.57 -0.70 1.15
CA VAL A 131 0.19 -0.57 2.39
C VAL A 131 -0.41 -1.42 3.53
N ALA A 132 -1.72 -1.61 3.50
CA ALA A 132 -2.40 -2.52 4.45
C ALA A 132 -1.82 -3.94 4.44
N SER A 133 -1.26 -4.37 3.31
CA SER A 133 -0.69 -5.74 3.17
C SER A 133 0.84 -5.78 3.15
N MET A 134 1.48 -4.68 3.53
CA MET A 134 2.94 -4.63 3.61
C MET A 134 3.44 -5.53 4.74
N PRO A 135 4.62 -6.16 4.56
CA PRO A 135 5.22 -6.94 5.64
C PRO A 135 5.33 -6.14 6.95
N GLN A 136 5.05 -6.80 8.07
CA GLN A 136 4.88 -6.11 9.35
C GLN A 136 6.20 -5.72 10.05
N GLU A 137 7.16 -6.64 10.07
CA GLU A 137 8.45 -6.39 10.72
C GLU A 137 9.55 -6.14 9.70
N GLU A 138 10.16 -4.96 9.78
CA GLU A 138 11.23 -4.59 8.85
C GLU A 138 12.50 -5.38 9.12
N GLN A 139 12.89 -6.22 8.17
CA GLN A 139 14.12 -7.00 8.24
C GLN A 139 15.04 -6.59 7.10
N GLU A 140 16.25 -6.17 7.43
CA GLU A 140 17.23 -5.72 6.43
C GLU A 140 17.61 -6.83 5.47
N PRO B 26 -21.87 -7.05 7.81
CA PRO B 26 -21.51 -5.63 7.94
C PRO B 26 -20.01 -5.42 8.08
N GLY B 27 -19.41 -6.01 9.11
CA GLY B 27 -17.97 -6.01 9.30
C GLY B 27 -17.57 -7.21 10.13
N ARG B 28 -16.35 -7.16 10.68
CA ARG B 28 -15.84 -8.26 11.50
C ARG B 28 -14.67 -7.80 12.35
N VAL B 29 -14.22 -8.67 13.24
CA VAL B 29 -13.04 -8.40 14.06
C VAL B 29 -11.82 -9.07 13.43
N THR B 30 -10.80 -8.27 13.12
CA THR B 30 -9.54 -8.80 12.60
C THR B 30 -8.38 -8.33 13.48
N ASN B 31 -7.25 -9.04 13.38
CA ASN B 31 -6.01 -8.63 14.03
C ASN B 31 -5.60 -7.20 13.65
N GLN B 32 -5.76 -6.87 12.36
CA GLN B 32 -5.38 -5.55 11.86
C GLN B 32 -6.27 -4.45 12.42
N LEU B 33 -7.58 -4.70 12.42
CA LEU B 33 -8.54 -3.74 12.98
C LEU B 33 -8.33 -3.53 14.48
N GLN B 34 -7.99 -4.59 15.20
N GLN B 34 -7.97 -4.59 15.21
CA GLN B 34 -7.60 -4.52 16.61
CA GLN B 34 -7.63 -4.47 16.62
C GLN B 34 -6.38 -3.62 16.81
C GLN B 34 -6.36 -3.62 16.83
N TYR B 35 -5.40 -3.78 15.93
CA TYR B 35 -4.18 -2.95 15.95
C TYR B 35 -4.51 -1.48 15.68
N LEU B 36 -5.31 -1.24 14.65
CA LEU B 36 -5.74 0.14 14.33
C LEU B 36 -6.49 0.78 15.49
N HIS B 37 -7.28 -0.02 16.20
CA HIS B 37 -8.08 0.46 17.33
C HIS B 37 -7.19 0.71 18.56
N LYS B 38 -6.47 -0.31 18.99
CA LYS B 38 -5.79 -0.28 20.29
C LYS B 38 -4.39 0.34 20.24
N VAL B 39 -3.75 0.31 19.07
CA VAL B 39 -2.41 0.87 18.93
C VAL B 39 -2.44 2.20 18.19
N VAL B 40 -2.92 2.21 16.96
CA VAL B 40 -2.87 3.42 16.13
C VAL B 40 -3.80 4.51 16.66
N MET B 41 -5.08 4.21 16.78
CA MET B 41 -6.07 5.21 17.23
C MET B 41 -5.78 5.71 18.64
N LYS B 42 -5.37 4.82 19.54
CA LYS B 42 -5.05 5.23 20.93
C LYS B 42 -3.89 6.25 20.95
N ALA B 43 -2.87 5.99 20.13
CA ALA B 43 -1.71 6.89 20.01
C ALA B 43 -2.07 8.25 19.45
N LEU B 44 -2.90 8.27 18.40
CA LEU B 44 -3.37 9.53 17.82
C LEU B 44 -4.29 10.28 18.76
N TRP B 45 -5.25 9.56 19.36
CA TRP B 45 -6.30 10.17 20.19
C TRP B 45 -5.74 10.99 21.33
N LYS B 46 -4.70 10.46 21.97
CA LYS B 46 -4.09 11.08 23.16
C LYS B 46 -3.12 12.21 22.83
N HIS B 47 -2.80 12.39 21.55
CA HIS B 47 -1.84 13.40 21.12
C HIS B 47 -2.35 14.82 21.44
N GLN B 48 -1.43 15.71 21.78
CA GLN B 48 -1.79 17.09 22.14
C GLN B 48 -2.45 17.87 21.01
N PHE B 49 -2.25 17.45 19.76
CA PHE B 49 -2.87 18.09 18.60
C PHE B 49 -4.16 17.40 18.14
N ALA B 50 -4.61 16.38 18.86
CA ALA B 50 -5.78 15.58 18.44
C ALA B 50 -7.15 16.21 18.74
N TRP B 51 -7.21 17.14 19.69
CA TRP B 51 -8.51 17.65 20.17
C TRP B 51 -9.49 18.17 19.09
N PRO B 52 -8.98 18.82 18.02
CA PRO B 52 -9.93 19.22 16.96
C PRO B 52 -10.51 18.06 16.15
N PHE B 53 -9.91 16.87 16.25
CA PHE B 53 -10.23 15.74 15.39
C PHE B 53 -11.02 14.64 16.10
N ARG B 54 -11.26 14.79 17.40
CA ARG B 54 -11.92 13.74 18.19
C ARG B 54 -13.43 13.67 18.02
N GLN B 55 -14.02 14.68 17.38
CA GLN B 55 -15.47 14.75 17.18
C GLN B 55 -15.75 15.43 15.83
N PRO B 56 -16.95 15.23 15.27
CA PRO B 56 -17.25 15.87 13.99
C PRO B 56 -17.10 17.38 14.05
N VAL B 57 -16.65 17.96 12.94
CA VAL B 57 -16.57 19.41 12.80
C VAL B 57 -17.97 20.00 12.95
N ASP B 58 -18.10 20.99 13.85
CA ASP B 58 -19.35 21.71 14.04
C ASP B 58 -19.22 23.06 13.33
N ALA B 59 -19.71 23.10 12.09
CA ALA B 59 -19.64 24.29 11.27
C ALA B 59 -20.39 25.47 11.87
N VAL B 60 -21.48 25.19 12.57
CA VAL B 60 -22.27 26.22 13.25
C VAL B 60 -21.49 26.82 14.42
N LYS B 61 -21.01 25.95 15.32
CA LYS B 61 -20.23 26.39 16.49
C LYS B 61 -18.98 27.17 16.10
N LEU B 62 -18.29 26.68 15.05
CA LEU B 62 -17.05 27.31 14.57
C LEU B 62 -17.29 28.46 13.58
N GLY B 63 -18.52 28.65 13.14
CA GLY B 63 -18.86 29.74 12.21
C GLY B 63 -18.33 29.52 10.81
N LEU B 64 -18.49 28.29 10.31
CA LEU B 64 -18.00 27.92 8.98
C LEU B 64 -19.19 27.51 8.09
N PRO B 65 -19.94 28.51 7.57
CA PRO B 65 -21.18 28.20 6.83
C PRO B 65 -20.97 27.47 5.50
N ASP B 66 -19.75 27.50 4.97
CA ASP B 66 -19.42 26.84 3.70
C ASP B 66 -18.81 25.44 3.91
N TYR B 67 -18.68 25.01 5.16
CA TYR B 67 -17.94 23.79 5.44
C TYR B 67 -18.52 22.58 4.73
N HIS B 68 -19.84 22.41 4.83
CA HIS B 68 -20.49 21.23 4.24
C HIS B 68 -20.76 21.35 2.75
N LYS B 69 -20.61 22.56 2.20
CA LYS B 69 -20.65 22.77 0.76
C LYS B 69 -19.33 22.35 0.11
N ILE B 70 -18.24 22.40 0.88
CA ILE B 70 -16.91 22.03 0.40
C ILE B 70 -16.54 20.60 0.77
N ILE B 71 -16.82 20.21 2.01
CA ILE B 71 -16.51 18.86 2.50
C ILE B 71 -17.79 18.02 2.50
N LYS B 72 -17.87 17.11 1.54
CA LYS B 72 -19.09 16.33 1.31
C LYS B 72 -19.09 14.99 2.06
N GLN B 73 -17.92 14.59 2.55
CA GLN B 73 -17.80 13.39 3.38
C GLN B 73 -17.05 13.70 4.67
N PRO B 74 -17.73 14.33 5.64
CA PRO B 74 -17.09 14.63 6.91
C PRO B 74 -16.62 13.36 7.60
N MET B 75 -15.47 13.45 8.28
CA MET B 75 -14.95 12.32 9.04
C MET B 75 -14.13 12.84 10.21
N ASP B 76 -14.12 12.06 11.30
CA ASP B 76 -13.38 12.41 12.51
C ASP B 76 -13.00 11.12 13.23
N MET B 77 -12.10 11.22 14.20
N MET B 77 -12.09 11.24 14.20
CA MET B 77 -11.65 10.02 14.91
CA MET B 77 -11.61 10.09 14.98
C MET B 77 -12.71 9.43 15.82
C MET B 77 -12.72 9.43 15.78
N GLY B 78 -13.65 10.25 16.29
CA GLY B 78 -14.76 9.75 17.10
C GLY B 78 -15.67 8.82 16.33
N THR B 79 -15.99 9.20 15.10
CA THR B 79 -16.76 8.36 14.19
C THR B 79 -15.99 7.09 13.85
N ILE B 80 -14.70 7.23 13.58
CA ILE B 80 -13.86 6.08 13.27
C ILE B 80 -13.77 5.11 14.45
N LYS B 81 -13.59 5.66 15.65
CA LYS B 81 -13.51 4.86 16.88
C LYS B 81 -14.81 4.08 17.10
N ARG B 82 -15.94 4.75 16.94
CA ARG B 82 -17.25 4.10 17.09
C ARG B 82 -17.44 2.98 16.06
N ARG B 83 -16.98 3.20 14.83
CA ARG B 83 -17.04 2.19 13.79
C ARG B 83 -16.19 0.96 14.12
N LEU B 84 -15.01 1.20 14.69
CA LEU B 84 -14.14 0.12 15.17
C LEU B 84 -14.83 -0.68 16.28
N GLU B 85 -15.46 0.05 17.20
CA GLU B 85 -16.13 -0.57 18.36
C GLU B 85 -17.40 -1.33 17.98
N ASN B 86 -18.08 -0.89 16.93
CA ASN B 86 -19.31 -1.54 16.46
C ASN B 86 -19.09 -2.54 15.31
N ASN B 87 -17.82 -2.92 15.09
CA ASN B 87 -17.45 -3.86 14.04
C ASN B 87 -18.01 -3.47 12.67
N TYR B 88 -17.91 -2.19 12.35
CA TYR B 88 -18.42 -1.67 11.10
C TYR B 88 -17.53 -2.04 9.92
N TYR B 89 -16.21 -2.05 10.16
CA TYR B 89 -15.25 -2.31 9.08
C TYR B 89 -15.12 -3.80 8.78
N TRP B 90 -15.04 -4.12 7.50
CA TRP B 90 -14.77 -5.49 7.05
C TRP B 90 -13.26 -5.73 6.91
N ALA B 91 -12.51 -4.67 6.59
CA ALA B 91 -11.07 -4.77 6.39
C ALA B 91 -10.35 -3.53 6.90
N ALA B 92 -9.11 -3.72 7.35
CA ALA B 92 -8.29 -2.61 7.88
C ALA B 92 -8.16 -1.46 6.88
N SER B 93 -8.00 -1.78 5.60
CA SER B 93 -7.89 -0.76 4.56
C SER B 93 -9.05 0.21 4.59
N GLU B 94 -10.26 -0.28 4.89
CA GLU B 94 -11.46 0.57 4.97
C GLU B 94 -11.34 1.60 6.09
N CYS B 95 -10.81 1.18 7.23
CA CYS B 95 -10.56 2.06 8.37
C CYS B 95 -9.50 3.11 8.02
N MET B 96 -8.43 2.67 7.38
CA MET B 96 -7.38 3.57 6.90
C MET B 96 -7.90 4.63 5.91
N GLN B 97 -8.84 4.24 5.04
N GLN B 97 -8.84 4.24 5.05
CA GLN B 97 -9.49 5.17 4.12
CA GLN B 97 -9.47 5.17 4.13
C GLN B 97 -10.19 6.28 4.90
C GLN B 97 -10.22 6.27 4.88
N ASP B 98 -10.89 5.91 5.97
CA ASP B 98 -11.57 6.88 6.81
C ASP B 98 -10.59 7.84 7.48
N PHE B 99 -9.48 7.32 8.00
CA PHE B 99 -8.41 8.21 8.51
C PHE B 99 -7.94 9.18 7.43
N ASN B 100 -7.73 8.67 6.23
CA ASN B 100 -7.26 9.52 5.12
C ASN B 100 -8.29 10.61 4.79
N THR B 101 -9.56 10.25 4.76
CA THR B 101 -10.62 11.23 4.49
C THR B 101 -10.60 12.36 5.51
N MET B 102 -10.45 12.02 6.79
CA MET B 102 -10.38 13.01 7.85
C MET B 102 -9.24 14.02 7.59
N PHE B 103 -8.05 13.50 7.35
CA PHE B 103 -6.90 14.38 7.09
C PHE B 103 -7.06 15.16 5.79
N THR B 104 -7.51 14.50 4.73
CA THR B 104 -7.67 15.14 3.43
C THR B 104 -8.68 16.29 3.49
N ASN B 105 -9.80 16.06 4.18
CA ASN B 105 -10.80 17.10 4.41
C ASN B 105 -10.17 18.34 5.02
N CYS B 106 -9.29 18.14 6.00
CA CYS B 106 -8.65 19.24 6.70
C CYS B 106 -7.79 20.06 5.73
N TYR B 107 -7.00 19.36 4.90
CA TYR B 107 -6.10 20.02 3.93
C TYR B 107 -6.88 20.74 2.84
N ILE B 108 -7.96 20.12 2.39
CA ILE B 108 -8.78 20.67 1.32
C ILE B 108 -9.54 21.92 1.75
N TYR B 109 -10.12 21.91 2.95
CA TYR B 109 -10.94 23.01 3.42
C TYR B 109 -10.13 24.23 3.92
N ASN B 110 -9.11 23.98 4.72
CA ASN B 110 -8.43 25.07 5.45
C ASN B 110 -7.39 25.79 4.61
N LYS B 111 -7.01 27.00 5.03
CA LYS B 111 -5.92 27.72 4.36
C LYS B 111 -4.61 26.99 4.68
N PRO B 112 -3.67 26.93 3.71
CA PRO B 112 -2.39 26.26 3.91
C PRO B 112 -1.65 26.71 5.17
N THR B 113 -1.81 27.97 5.54
CA THR B 113 -1.09 28.54 6.67
C THR B 113 -1.76 28.35 8.03
N ASP B 114 -2.99 27.82 8.05
CA ASP B 114 -3.73 27.61 9.31
C ASP B 114 -3.02 26.57 10.19
N ASP B 115 -3.02 26.81 11.50
CA ASP B 115 -2.44 25.89 12.47
C ASP B 115 -3.01 24.47 12.34
N ILE B 116 -4.32 24.36 12.09
CA ILE B 116 -4.96 23.05 11.97
C ILE B 116 -4.30 22.15 10.92
N VAL B 117 -3.83 22.76 9.83
CA VAL B 117 -3.12 22.03 8.80
C VAL B 117 -1.83 21.39 9.33
N LEU B 118 -1.07 22.16 10.11
CA LEU B 118 0.17 21.65 10.72
C LEU B 118 -0.14 20.52 11.71
N MET B 119 -1.21 20.70 12.46
CA MET B 119 -1.66 19.69 13.42
C MET B 119 -2.06 18.39 12.72
N ALA B 120 -2.80 18.50 11.62
CA ALA B 120 -3.15 17.32 10.82
C ALA B 120 -1.90 16.64 10.27
N GLN B 121 -0.98 17.43 9.73
CA GLN B 121 0.27 16.89 9.17
C GLN B 121 1.01 16.04 10.22
N THR B 122 1.10 16.56 11.44
CA THR B 122 1.78 15.85 12.52
C THR B 122 1.10 14.52 12.86
N LEU B 123 -0.22 14.56 13.01
CA LEU B 123 -1.00 13.37 13.33
C LEU B 123 -0.93 12.35 12.20
N GLU B 124 -1.00 12.83 10.97
CA GLU B 124 -0.92 11.96 9.79
C GLU B 124 0.41 11.23 9.69
N LYS B 125 1.50 11.93 10.01
CA LYS B 125 2.82 11.30 10.01
C LYS B 125 2.90 10.18 11.05
N ILE B 126 2.34 10.41 12.24
CA ILE B 126 2.30 9.38 13.28
C ILE B 126 1.45 8.20 12.81
N PHE B 127 0.30 8.51 12.23
CA PHE B 127 -0.58 7.47 11.67
C PHE B 127 0.20 6.53 10.75
N LEU B 128 0.94 7.10 9.80
CA LEU B 128 1.71 6.28 8.86
C LEU B 128 2.82 5.48 9.50
N GLN B 129 3.53 6.10 10.45
N GLN B 129 3.53 6.09 10.46
CA GLN B 129 4.59 5.42 11.20
CA GLN B 129 4.60 5.40 11.19
C GLN B 129 4.05 4.18 11.89
C GLN B 129 4.05 4.17 11.90
N LYS B 130 2.92 4.33 12.58
CA LYS B 130 2.29 3.21 13.29
C LYS B 130 1.70 2.17 12.34
N VAL B 131 1.11 2.63 11.24
CA VAL B 131 0.57 1.70 10.24
C VAL B 131 1.65 0.81 9.64
N ALA B 132 2.88 1.34 9.53
CA ALA B 132 4.01 0.56 9.00
C ALA B 132 4.26 -0.74 9.78
N SER B 133 3.92 -0.75 11.07
CA SER B 133 4.13 -1.91 11.94
C SER B 133 2.86 -2.74 12.17
N MET B 134 1.82 -2.51 11.36
CA MET B 134 0.58 -3.29 11.45
C MET B 134 0.84 -4.71 10.97
N PRO B 135 0.17 -5.72 11.58
CA PRO B 135 0.28 -7.11 11.10
C PRO B 135 -0.02 -7.24 9.60
N GLN B 136 0.76 -8.05 8.90
CA GLN B 136 0.76 -8.06 7.42
C GLN B 136 -0.44 -8.79 6.81
N GLU B 137 -0.83 -9.91 7.41
CA GLU B 137 -1.95 -10.73 6.91
C GLU B 137 -3.18 -10.49 7.77
N GLU B 138 -4.27 -10.06 7.14
CA GLU B 138 -5.54 -9.84 7.84
C GLU B 138 -6.19 -11.18 8.16
N GLN B 139 -6.41 -11.44 9.45
CA GLN B 139 -6.99 -12.70 9.91
C GLN B 139 -8.13 -12.45 10.89
N GLU B 140 -9.29 -13.05 10.61
CA GLU B 140 -10.46 -12.95 11.48
C GLU B 140 -10.29 -13.85 12.70
N ASN C 31 -9.54 -28.44 -20.45
CA ASN C 31 -8.57 -29.54 -20.13
C ASN C 31 -7.66 -29.16 -18.94
N GLN C 32 -6.66 -30.00 -18.67
CA GLN C 32 -5.76 -29.82 -17.53
C GLN C 32 -4.99 -28.49 -17.54
N LEU C 33 -4.40 -28.15 -18.67
CA LEU C 33 -3.61 -26.92 -18.81
C LEU C 33 -4.48 -25.67 -18.74
N GLN C 34 -5.66 -25.73 -19.36
CA GLN C 34 -6.62 -24.62 -19.27
C GLN C 34 -7.05 -24.41 -17.83
N TYR C 35 -7.24 -25.50 -17.10
CA TYR C 35 -7.56 -25.46 -15.68
C TYR C 35 -6.42 -24.86 -14.86
N LEU C 36 -5.20 -25.31 -15.11
CA LEU C 36 -4.01 -24.76 -14.45
C LEU C 36 -3.85 -23.25 -14.72
N HIS C 37 -4.21 -22.83 -15.93
CA HIS C 37 -4.16 -21.40 -16.26
C HIS C 37 -5.33 -20.63 -15.63
N LYS C 38 -6.55 -21.08 -15.92
CA LYS C 38 -7.76 -20.34 -15.54
C LYS C 38 -8.11 -20.43 -14.05
N VAL C 39 -7.79 -21.54 -13.41
CA VAL C 39 -8.14 -21.75 -12.00
C VAL C 39 -6.91 -21.61 -11.11
N VAL C 40 -5.89 -22.44 -11.34
CA VAL C 40 -4.74 -22.49 -10.45
C VAL C 40 -3.95 -21.18 -10.50
N MET C 41 -3.53 -20.75 -11.69
CA MET C 41 -2.70 -19.55 -11.80
C MET C 41 -3.45 -18.27 -11.43
N LYS C 42 -4.73 -18.16 -11.78
CA LYS C 42 -5.52 -16.98 -11.41
C LYS C 42 -5.67 -16.82 -9.90
N ALA C 43 -5.81 -17.93 -9.19
CA ALA C 43 -5.88 -17.93 -7.73
C ALA C 43 -4.54 -17.57 -7.08
N LEU C 44 -3.43 -18.00 -7.68
CA LEU C 44 -2.11 -17.73 -7.12
C LEU C 44 -1.56 -16.35 -7.48
N TRP C 45 -1.79 -15.92 -8.73
CA TRP C 45 -1.22 -14.67 -9.24
C TRP C 45 -1.68 -13.44 -8.46
N LYS C 46 -2.95 -13.44 -8.05
CA LYS C 46 -3.54 -12.29 -7.36
C LYS C 46 -3.51 -12.43 -5.83
N HIS C 47 -2.95 -13.53 -5.33
CA HIS C 47 -2.85 -13.73 -3.88
C HIS C 47 -1.92 -12.69 -3.27
N GLN C 48 -2.17 -12.31 -2.02
CA GLN C 48 -1.39 -11.24 -1.38
C GLN C 48 0.08 -11.62 -1.16
N PHE C 49 0.36 -12.92 -1.11
CA PHE C 49 1.73 -13.42 -0.93
C PHE C 49 2.48 -13.67 -2.24
N ALA C 50 1.84 -13.40 -3.39
CA ALA C 50 2.44 -13.75 -4.69
C ALA C 50 3.61 -12.86 -5.09
N TRP C 51 3.61 -11.62 -4.62
CA TRP C 51 4.50 -10.57 -5.17
C TRP C 51 5.99 -10.93 -5.29
N PRO C 52 6.57 -11.60 -4.27
CA PRO C 52 7.98 -11.93 -4.45
C PRO C 52 8.23 -13.00 -5.53
N PHE C 53 7.18 -13.67 -5.98
CA PHE C 53 7.29 -14.79 -6.93
C PHE C 53 6.85 -14.45 -8.35
N ARG C 54 6.40 -13.22 -8.59
CA ARG C 54 5.83 -12.84 -9.89
C ARG C 54 6.87 -12.56 -10.98
N GLN C 55 8.15 -12.45 -10.59
CA GLN C 55 9.22 -12.27 -11.55
C GLN C 55 10.46 -13.06 -11.11
N PRO C 56 11.37 -13.35 -12.05
CA PRO C 56 12.60 -14.06 -11.71
C PRO C 56 13.37 -13.40 -10.57
N VAL C 57 14.01 -14.21 -9.74
CA VAL C 57 14.88 -13.69 -8.68
C VAL C 57 16.05 -12.97 -9.34
N ASP C 58 16.18 -11.68 -9.05
CA ASP C 58 17.33 -10.90 -9.51
C ASP C 58 18.32 -10.85 -8.36
N ALA C 59 19.30 -11.76 -8.40
CA ALA C 59 20.29 -11.92 -7.33
C ALA C 59 21.15 -10.67 -7.12
N VAL C 60 21.36 -9.89 -8.18
CA VAL C 60 22.14 -8.66 -8.10
C VAL C 60 21.35 -7.56 -7.38
N LYS C 61 20.14 -7.29 -7.85
CA LYS C 61 19.27 -6.27 -7.25
C LYS C 61 18.90 -6.60 -5.80
N LEU C 62 18.54 -7.86 -5.55
CA LEU C 62 18.18 -8.32 -4.20
C LEU C 62 19.37 -8.52 -3.27
N GLY C 63 20.58 -8.49 -3.83
CA GLY C 63 21.81 -8.64 -3.05
C GLY C 63 21.99 -10.07 -2.57
N LEU C 64 21.97 -11.01 -3.53
CA LEU C 64 22.10 -12.43 -3.26
C LEU C 64 23.20 -13.05 -4.14
N PRO C 65 24.47 -12.69 -3.88
CA PRO C 65 25.58 -13.14 -4.73
C PRO C 65 25.71 -14.67 -4.91
N ASP C 66 25.21 -15.45 -3.96
CA ASP C 66 25.33 -16.91 -4.01
C ASP C 66 24.07 -17.62 -4.53
N TYR C 67 23.05 -16.86 -4.94
CA TYR C 67 21.78 -17.46 -5.30
C TYR C 67 21.92 -18.51 -6.41
N HIS C 68 22.56 -18.15 -7.51
CA HIS C 68 22.67 -19.06 -8.66
C HIS C 68 23.77 -20.12 -8.51
N LYS C 69 24.58 -19.99 -7.47
CA LYS C 69 25.50 -21.07 -7.07
C LYS C 69 24.74 -22.17 -6.34
N ILE C 70 23.68 -21.80 -5.63
CA ILE C 70 22.89 -22.75 -4.85
C ILE C 70 21.70 -23.29 -5.66
N ILE C 71 20.97 -22.38 -6.31
CA ILE C 71 19.78 -22.74 -7.07
C ILE C 71 20.11 -23.01 -8.55
N LYS C 72 19.88 -24.23 -9.00
CA LYS C 72 20.29 -24.65 -10.33
C LYS C 72 19.26 -24.37 -11.43
N GLN C 73 17.97 -24.41 -11.08
CA GLN C 73 16.90 -24.09 -12.02
C GLN C 73 15.95 -23.04 -11.45
N PRO C 74 16.25 -21.75 -11.69
CA PRO C 74 15.35 -20.69 -11.28
C PRO C 74 13.96 -20.83 -11.91
N MET C 75 12.93 -20.43 -11.18
CA MET C 75 11.58 -20.43 -11.69
C MET C 75 10.73 -19.44 -10.91
N ASP C 76 9.74 -18.86 -11.58
CA ASP C 76 8.88 -17.85 -11.01
C ASP C 76 7.52 -17.90 -11.68
N MET C 77 6.51 -17.32 -11.02
CA MET C 77 5.15 -17.31 -11.54
C MET C 77 5.00 -16.53 -12.85
N GLY C 78 5.79 -15.48 -13.04
CA GLY C 78 5.76 -14.72 -14.28
C GLY C 78 6.08 -15.58 -15.48
N THR C 79 7.13 -16.38 -15.36
CA THR C 79 7.54 -17.31 -16.39
C THR C 79 6.44 -18.35 -16.63
N ILE C 80 5.89 -18.89 -15.55
CA ILE C 80 4.86 -19.91 -15.67
C ILE C 80 3.62 -19.34 -16.35
N LYS C 81 3.24 -18.12 -15.95
CA LYS C 81 2.09 -17.44 -16.54
C LYS C 81 2.27 -17.20 -18.04
N ARG C 82 3.44 -16.69 -18.42
CA ARG C 82 3.76 -16.48 -19.84
C ARG C 82 3.68 -17.81 -20.61
N ARG C 83 4.23 -18.86 -20.02
CA ARG C 83 4.21 -20.19 -20.65
C ARG C 83 2.80 -20.73 -20.88
N LEU C 84 1.93 -20.54 -19.89
CA LEU C 84 0.53 -20.92 -20.05
C LEU C 84 -0.16 -20.09 -21.12
N GLU C 85 0.08 -18.78 -21.11
CA GLU C 85 -0.48 -17.86 -22.10
C GLU C 85 -0.02 -18.21 -23.53
N ASN C 86 1.22 -18.67 -23.66
CA ASN C 86 1.82 -18.95 -24.96
C ASN C 86 1.77 -20.42 -25.40
N ASN C 87 1.01 -21.24 -24.66
CA ASN C 87 0.84 -22.66 -24.98
C ASN C 87 2.14 -23.48 -24.98
N TYR C 88 3.05 -23.09 -24.09
CA TYR C 88 4.37 -23.73 -24.01
C TYR C 88 4.31 -25.19 -23.55
N TYR C 89 3.46 -25.49 -22.57
CA TYR C 89 3.43 -26.83 -21.95
C TYR C 89 2.72 -27.87 -22.81
N TRP C 90 3.19 -29.12 -22.71
CA TRP C 90 2.56 -30.27 -23.36
C TRP C 90 1.68 -31.06 -22.40
N ALA C 91 2.05 -31.05 -21.12
CA ALA C 91 1.31 -31.77 -20.10
C ALA C 91 1.15 -30.89 -18.87
N ALA C 92 0.11 -31.16 -18.10
CA ALA C 92 -0.10 -30.54 -16.80
C ALA C 92 1.10 -30.78 -15.89
N SER C 93 1.65 -31.99 -15.96
CA SER C 93 2.82 -32.37 -15.15
C SER C 93 3.97 -31.36 -15.25
N GLU C 94 4.22 -30.85 -16.45
CA GLU C 94 5.34 -29.93 -16.68
C GLU C 94 5.13 -28.61 -15.95
N CYS C 95 3.91 -28.08 -16.04
CA CYS C 95 3.53 -26.86 -15.35
C CYS C 95 3.59 -27.07 -13.84
N MET C 96 3.11 -28.23 -13.39
CA MET C 96 3.17 -28.59 -11.96
C MET C 96 4.61 -28.66 -11.46
N GLN C 97 5.49 -29.25 -12.27
CA GLN C 97 6.91 -29.33 -11.91
C GLN C 97 7.55 -27.94 -11.80
N ASP C 98 7.11 -26.99 -12.63
CA ASP C 98 7.62 -25.62 -12.57
C ASP C 98 7.15 -24.91 -11.30
N PHE C 99 5.87 -25.07 -10.95
CA PHE C 99 5.40 -24.59 -9.65
C PHE C 99 6.22 -25.19 -8.53
N ASN C 100 6.40 -26.52 -8.56
CA ASN C 100 7.19 -27.21 -7.55
C ASN C 100 8.60 -26.64 -7.44
N THR C 101 9.27 -26.47 -8.58
CA THR C 101 10.63 -25.93 -8.61
C THR C 101 10.69 -24.55 -7.96
N MET C 102 9.74 -23.69 -8.29
CA MET C 102 9.69 -22.35 -7.72
C MET C 102 9.61 -22.39 -6.19
N PHE C 103 8.69 -23.20 -5.66
CA PHE C 103 8.54 -23.30 -4.21
C PHE C 103 9.76 -23.94 -3.56
N THR C 104 10.24 -25.02 -4.16
CA THR C 104 11.40 -25.74 -3.63
C THR C 104 12.65 -24.87 -3.57
N ASN C 105 12.92 -24.11 -4.64
CA ASN C 105 14.02 -23.15 -4.64
C ASN C 105 13.97 -22.25 -3.41
N CYS C 106 12.78 -21.73 -3.13
CA CYS C 106 12.56 -20.83 -2.00
C CYS C 106 12.89 -21.51 -0.67
N TYR C 107 12.40 -22.73 -0.47
CA TYR C 107 12.64 -23.46 0.77
C TYR C 107 14.12 -23.78 0.94
N ILE C 108 14.78 -24.14 -0.15
CA ILE C 108 16.17 -24.56 -0.12
C ILE C 108 17.12 -23.41 0.17
N TYR C 109 16.91 -22.26 -0.49
CA TYR C 109 17.83 -21.13 -0.39
C TYR C 109 17.69 -20.34 0.90
N ASN C 110 16.46 -20.11 1.32
CA ASN C 110 16.17 -19.20 2.43
C ASN C 110 16.31 -19.85 3.80
N LYS C 111 16.47 -19.01 4.82
CA LYS C 111 16.50 -19.50 6.20
C LYS C 111 15.11 -19.97 6.63
N PRO C 112 15.02 -20.99 7.50
CA PRO C 112 13.72 -21.55 7.89
C PRO C 112 12.76 -20.52 8.49
N THR C 113 13.30 -19.53 9.20
CA THR C 113 12.50 -18.52 9.89
C THR C 113 12.15 -17.31 9.02
N ASP C 114 12.63 -17.27 7.78
CA ASP C 114 12.30 -16.17 6.87
C ASP C 114 10.80 -16.17 6.53
N ASP C 115 10.23 -14.97 6.44
CA ASP C 115 8.80 -14.80 6.15
C ASP C 115 8.43 -15.35 4.78
N ILE C 116 9.37 -15.23 3.83
CA ILE C 116 9.18 -15.73 2.47
C ILE C 116 8.83 -17.22 2.46
N VAL C 117 9.39 -17.97 3.41
CA VAL C 117 9.14 -19.41 3.50
C VAL C 117 7.68 -19.69 3.87
N LEU C 118 7.14 -18.93 4.82
CA LEU C 118 5.73 -19.08 5.20
C LEU C 118 4.80 -18.66 4.05
N MET C 119 5.20 -17.64 3.30
CA MET C 119 4.45 -17.18 2.14
C MET C 119 4.38 -18.26 1.06
N ALA C 120 5.54 -18.87 0.78
CA ALA C 120 5.63 -19.98 -0.15
C ALA C 120 4.76 -21.17 0.31
N GLN C 121 4.83 -21.49 1.60
CA GLN C 121 4.02 -22.59 2.16
C GLN C 121 2.52 -22.38 1.92
N THR C 122 2.05 -21.16 2.12
CA THR C 122 0.64 -20.83 1.93
C THR C 122 0.24 -20.99 0.48
N LEU C 123 1.09 -20.50 -0.43
CA LEU C 123 0.80 -20.57 -1.85
C LEU C 123 0.82 -22.02 -2.35
N GLU C 124 1.78 -22.81 -1.87
CA GLU C 124 1.89 -24.19 -2.32
C GLU C 124 0.71 -25.04 -1.87
N LYS C 125 0.23 -24.81 -0.66
CA LYS C 125 -0.95 -25.52 -0.14
C LYS C 125 -2.17 -25.27 -1.01
N ILE C 126 -2.37 -24.02 -1.43
CA ILE C 126 -3.46 -23.67 -2.35
C ILE C 126 -3.26 -24.34 -3.71
N PHE C 127 -2.04 -24.27 -4.23
CA PHE C 127 -1.69 -24.95 -5.48
C PHE C 127 -2.08 -26.43 -5.44
N LEU C 128 -1.67 -27.12 -4.39
CA LEU C 128 -1.98 -28.56 -4.25
C LEU C 128 -3.47 -28.83 -4.11
N GLN C 129 -4.16 -27.97 -3.37
CA GLN C 129 -5.60 -28.13 -3.18
C GLN C 129 -6.30 -28.04 -4.53
N LYS C 130 -5.91 -27.06 -5.33
CA LYS C 130 -6.52 -26.87 -6.65
C LYS C 130 -6.09 -27.97 -7.62
N VAL C 131 -4.83 -28.40 -7.58
CA VAL C 131 -4.36 -29.52 -8.41
C VAL C 131 -5.17 -30.80 -8.16
N ALA C 132 -5.58 -31.03 -6.91
CA ALA C 132 -6.39 -32.19 -6.55
C ALA C 132 -7.73 -32.25 -7.30
N SER C 133 -8.29 -31.10 -7.65
CA SER C 133 -9.57 -31.02 -8.37
C SER C 133 -9.41 -30.84 -9.88
N MET C 134 -8.19 -31.05 -10.38
CA MET C 134 -7.91 -30.93 -11.82
C MET C 134 -8.55 -32.08 -12.59
N PRO C 135 -9.02 -31.82 -13.83
CA PRO C 135 -9.55 -32.92 -14.66
C PRO C 135 -8.48 -33.92 -15.09
N GLN C 136 -8.91 -35.10 -15.55
CA GLN C 136 -7.98 -36.12 -16.07
C GLN C 136 -7.33 -35.67 -17.38
#